data_6FZ0
#
_entry.id   6FZ0
#
_cell.length_a   87.828
_cell.length_b   87.828
_cell.length_c   62.670
_cell.angle_alpha   90.00
_cell.angle_beta   90.00
_cell.angle_gamma   90.00
#
_symmetry.space_group_name_H-M   'P 41 2 2'
#
loop_
_entity.id
_entity.type
_entity.pdbx_description
1 polymer 'metY SAM V  (53-MER)'
2 non-polymer 'SULFATE ION'
3 non-polymer 'SODIUM ION'
4 non-polymer S-ADENOSYLMETHIONINE
5 non-polymer 'MAGNESIUM ION'
6 water water
#
_entity_poly.entity_id   1
_entity_poly.type   'polyribonucleotide'
_entity_poly.pdbx_seq_one_letter_code
;AGG(CBV)GCAUUUGAACUGUAUUGUACGCCUUGCAUAAAGCAAAAGUACUAAAAAA
;
_entity_poly.pdbx_strand_id   A
#